data_2NQI
#
_entry.id   2NQI
#
_cell.length_a   40.369
_cell.length_b   70.060
_cell.length_c   110.743
_cell.angle_alpha   90.00
_cell.angle_beta   90.00
_cell.angle_gamma   90.00
#
_symmetry.space_group_name_H-M   'P 21 21 21'
#
loop_
_entity.id
_entity.type
_entity.pdbx_description
1 polymer 'Calpain-1 catalytic subunit'
2 non-polymer 'CALCIUM ION'
3 non-polymer N~2~-[(2S)-2-{[(2R)-4-ETHOXY-2-HYDROXY-4-OXOBUTANOYL]AMINO}PENT-4-ENOYL]-L-ARGINYL-L-TRYPTOPHANAMIDE
4 water water
#
_entity_poly.entity_id   1
_entity_poly.type   'polypeptide(L)'
_entity_poly.pdbx_seq_one_letter_code
;MGLGRHENAIKYLGQDYENLRARCLQNGVLFQDDAFPPVSHSLGFKELGPNSSKTYGIKWKRPTELLSNPQFIVDGATRT
DICQGALGDCWLLAAIASLTLNETILHRVVPYGQSFQEGYAGIFHFQLWQFGEWVDVVVDDLLPTKDGKLVFVHSAQGNE
FWSALLEKAYAKVNGSYEALSGGCTSEAFEDFTGGVTEWYDLQKAPSDLYQIILKALERGSLLGCSINISDIRDLEAITF
KNLVRGHAYSVTDAKQVTYQGQRVNLIRMRNPWGEVEWKGPWSDNSYEWNKVDPYEREQLRVKMEDGEFWMSFRDFIREF
TKLEICNLTPDLEHHHHHH
;
_entity_poly.pdbx_strand_id   A
#
loop_
_chem_comp.id
_chem_comp.type
_chem_comp.name
_chem_comp.formula
CA non-polymer 'CALCIUM ION' 'Ca 2'
NQI non-polymer N~2~-[(2S)-2-{[(2R)-4-ETHOXY-2-HYDROXY-4-OXOBUTANOYL]AMINO}PENT-4-ENOYL]-L-ARGINYL-L-TRYPTOPHANAMIDE 'C28 H40 N8 O7'
#
# COMPACT_ATOMS: atom_id res chain seq x y z
N ASN A 8 23.76 9.56 2.78
CA ASN A 8 23.47 8.22 3.36
C ASN A 8 22.46 8.20 4.50
N ALA A 9 21.49 7.28 4.41
CA ALA A 9 20.45 7.20 5.45
C ALA A 9 21.08 6.82 6.79
N ILE A 10 20.59 7.42 7.86
CA ILE A 10 21.10 7.11 9.18
C ILE A 10 20.39 5.85 9.72
N LYS A 11 21.10 5.07 10.52
CA LYS A 11 20.65 3.76 10.95
C LYS A 11 19.64 3.81 12.09
N TYR A 12 18.41 3.32 11.84
CA TYR A 12 17.43 3.25 12.92
C TYR A 12 18.01 2.42 14.07
N LEU A 13 18.11 3.03 15.26
CA LEU A 13 18.58 2.35 16.45
C LEU A 13 20.06 1.90 16.34
N GLY A 14 20.82 2.45 15.39
CA GLY A 14 22.22 2.04 15.13
C GLY A 14 22.30 0.66 14.48
N GLN A 15 21.16 0.10 14.07
CA GLN A 15 21.23 -1.21 13.44
C GLN A 15 21.72 -1.06 12.01
N ASP A 16 22.76 -1.84 11.70
CA ASP A 16 23.55 -1.69 10.50
C ASP A 16 23.31 -2.84 9.56
N TYR A 17 22.47 -2.62 8.54
CA TYR A 17 22.06 -3.66 7.58
C TYR A 17 23.21 -4.52 7.03
N GLU A 18 24.19 -3.88 6.40
CA GLU A 18 25.28 -4.60 5.75
C GLU A 18 26.20 -5.31 6.76
N ASN A 19 26.48 -4.65 7.88
CA ASN A 19 27.26 -5.31 8.91
C ASN A 19 26.56 -6.54 9.49
N LEU A 20 25.27 -6.36 9.87
CA LEU A 20 24.46 -7.48 10.38
C LEU A 20 24.38 -8.60 9.35
N ARG A 21 24.17 -8.24 8.09
CA ARG A 21 24.08 -9.24 7.02
C ARG A 21 25.42 -10.00 6.85
N ALA A 22 26.52 -9.28 6.74
CA ALA A 22 27.80 -9.97 6.53
C ALA A 22 28.17 -10.82 7.75
N ARG A 23 27.92 -10.33 8.95
CA ARG A 23 28.20 -11.13 10.16
C ARG A 23 27.33 -12.40 10.27
N CYS A 24 26.04 -12.30 9.93
CA CYS A 24 25.16 -13.49 9.94
C CYS A 24 25.66 -14.54 8.94
N LEU A 25 26.03 -14.08 7.75
CA LEU A 25 26.52 -14.98 6.72
C LEU A 25 27.80 -15.67 7.18
N GLN A 26 28.73 -14.91 7.75
CA GLN A 26 29.98 -15.45 8.32
C GLN A 26 29.69 -16.48 9.42
N ASN A 27 28.72 -16.17 10.29
CA ASN A 27 28.38 -16.99 11.46
C ASN A 27 27.46 -18.18 11.10
N GLY A 28 27.04 -18.24 9.85
CA GLY A 28 26.19 -19.33 9.35
C GLY A 28 24.78 -19.33 9.91
N VAL A 29 24.28 -18.16 10.29
CA VAL A 29 22.93 -18.07 10.87
C VAL A 29 22.07 -17.08 10.08
N LEU A 30 20.76 -17.10 10.29
CA LEU A 30 19.87 -16.10 9.70
C LEU A 30 19.56 -15.08 10.80
N PHE A 31 19.40 -13.82 10.40
CA PHE A 31 19.19 -12.73 11.36
C PHE A 31 17.90 -12.94 12.11
N GLN A 32 17.92 -12.66 13.40
CA GLN A 32 16.70 -12.50 14.17
C GLN A 32 16.78 -11.15 14.86
N ASP A 33 15.77 -10.34 14.69
CA ASP A 33 15.81 -8.92 15.03
C ASP A 33 15.50 -8.68 16.51
N ASP A 34 16.52 -8.40 17.33
CA ASP A 34 16.26 -8.12 18.77
C ASP A 34 15.35 -6.95 18.99
N ALA A 35 15.35 -6.00 18.03
CA ALA A 35 14.61 -4.76 18.16
C ALA A 35 13.11 -4.92 17.83
N PHE A 36 12.78 -5.98 17.08
CA PHE A 36 11.42 -6.29 16.66
C PHE A 36 11.36 -7.80 16.49
N PRO A 37 11.40 -8.53 17.63
CA PRO A 37 11.50 -9.96 17.58
C PRO A 37 10.23 -10.68 17.14
N PRO A 38 10.39 -11.95 16.76
CA PRO A 38 9.26 -12.71 16.25
C PRO A 38 8.41 -13.27 17.37
N VAL A 39 7.73 -12.38 18.10
CA VAL A 39 6.94 -12.76 19.25
C VAL A 39 5.72 -11.87 19.30
N SER A 40 4.74 -12.21 20.16
CA SER A 40 3.42 -11.49 20.18
C SER A 40 3.50 -9.99 20.35
N HIS A 41 4.47 -9.50 21.12
CA HIS A 41 4.62 -8.08 21.32
C HIS A 41 4.89 -7.30 20.03
N SER A 42 5.42 -7.95 19.01
CA SER A 42 5.61 -7.30 17.70
C SER A 42 4.30 -7.34 16.89
N LEU A 43 3.40 -8.23 17.27
CA LEU A 43 2.07 -8.24 16.64
C LEU A 43 1.22 -7.10 17.16
N GLY A 44 1.08 -7.04 18.48
CA GLY A 44 0.32 -5.98 19.10
C GLY A 44 0.19 -6.18 20.59
N PHE A 45 -0.89 -5.64 21.15
CA PHE A 45 -1.01 -5.48 22.61
C PHE A 45 -2.43 -5.79 23.14
N LYS A 46 -3.45 -5.64 22.28
CA LYS A 46 -4.86 -5.81 22.64
C LYS A 46 -5.54 -6.80 21.70
N GLU A 47 -6.05 -6.29 20.58
CA GLU A 47 -6.54 -7.14 19.49
C GLU A 47 -5.51 -8.18 19.04
N LEU A 48 -4.25 -7.78 19.03
CA LEU A 48 -3.15 -8.68 18.65
C LEU A 48 -2.25 -8.93 19.85
N GLY A 49 -2.82 -8.87 21.04
CA GLY A 49 -2.09 -9.12 22.29
C GLY A 49 -1.78 -10.59 22.58
N PRO A 50 -1.01 -10.87 23.65
CA PRO A 50 -0.55 -12.25 23.89
C PRO A 50 -1.70 -13.17 24.28
N ASN A 51 -2.83 -12.62 24.69
CA ASN A 51 -3.94 -13.44 25.12
C ASN A 51 -5.18 -13.36 24.20
N SER A 52 -4.93 -13.09 22.92
CA SER A 52 -6.03 -12.85 21.98
C SER A 52 -6.18 -14.00 20.99
N SER A 53 -7.43 -14.23 20.56
CA SER A 53 -7.74 -15.15 19.47
C SER A 53 -6.85 -14.97 18.23
N LYS A 54 -6.79 -13.73 17.76
CA LYS A 54 -6.00 -13.41 16.55
C LYS A 54 -4.55 -13.90 16.69
N THR A 55 -3.91 -13.53 17.79
CA THR A 55 -2.51 -13.91 18.06
C THR A 55 -2.34 -15.42 18.10
N TYR A 56 -3.08 -16.11 18.96
CA TYR A 56 -3.14 -17.61 19.01
C TYR A 56 -2.91 -18.40 17.70
N GLY A 57 -3.51 -18.00 16.58
CA GLY A 57 -3.28 -18.78 15.32
C GLY A 57 -1.94 -18.49 14.60
N ILE A 58 -1.20 -17.50 15.10
CA ILE A 58 -0.15 -16.95 14.25
C ILE A 58 1.19 -17.61 14.53
N LYS A 59 1.83 -18.13 13.48
CA LYS A 59 3.23 -18.55 13.56
C LYS A 59 4.15 -17.69 12.65
N TRP A 60 5.31 -17.35 13.19
CA TRP A 60 6.29 -16.55 12.47
C TRP A 60 7.17 -17.50 11.67
N LYS A 61 7.17 -17.31 10.36
CA LYS A 61 7.91 -18.09 9.36
C LYS A 61 8.55 -17.20 8.33
N ARG A 62 9.75 -17.56 7.91
CA ARG A 62 10.46 -16.91 6.83
C ARG A 62 9.93 -17.36 5.45
N PRO A 63 9.95 -16.46 4.41
CA PRO A 63 9.52 -16.92 3.07
C PRO A 63 10.30 -18.14 2.61
N THR A 64 11.50 -18.35 3.18
CA THR A 64 12.39 -19.41 2.77
C THR A 64 11.98 -20.72 3.44
N GLU A 65 11.08 -20.62 4.40
CA GLU A 65 10.52 -21.79 5.06
C GLU A 65 9.15 -22.10 4.40
N LEU A 66 8.53 -21.08 3.80
CA LEU A 66 7.21 -21.18 3.20
C LEU A 66 7.27 -21.78 1.81
N LEU A 67 8.26 -21.35 1.04
CA LEU A 67 8.34 -21.67 -0.37
C LEU A 67 9.71 -22.15 -0.74
N SER A 68 9.78 -22.92 -1.81
CA SER A 68 11.08 -23.32 -2.40
C SER A 68 11.82 -22.17 -3.09
N ASN A 69 11.06 -21.27 -3.72
CA ASN A 69 11.62 -20.14 -4.49
C ASN A 69 11.01 -18.77 -4.13
N PRO A 70 11.18 -18.32 -2.86
CA PRO A 70 10.67 -16.98 -2.53
C PRO A 70 11.44 -15.89 -3.29
N GLN A 71 10.74 -14.81 -3.63
CA GLN A 71 11.36 -13.74 -4.38
C GLN A 71 11.05 -12.45 -3.65
N PHE A 72 12.03 -11.58 -3.61
CA PHE A 72 11.84 -10.28 -3.03
C PHE A 72 10.93 -9.50 -3.96
N ILE A 73 11.31 -9.43 -5.23
CA ILE A 73 10.49 -8.68 -6.21
C ILE A 73 10.27 -9.54 -7.42
N VAL A 74 9.02 -9.57 -7.92
CA VAL A 74 8.72 -10.33 -9.13
C VAL A 74 7.98 -9.40 -10.08
N ASP A 75 8.44 -9.28 -11.31
CA ASP A 75 7.82 -8.42 -12.35
C ASP A 75 7.62 -6.99 -11.86
N GLY A 76 8.59 -6.47 -11.12
CA GLY A 76 8.50 -5.12 -10.61
C GLY A 76 7.85 -5.05 -9.25
N ALA A 77 8.18 -3.99 -8.51
CA ALA A 77 7.49 -3.63 -7.29
C ALA A 77 6.29 -2.73 -7.69
N THR A 78 5.10 -3.32 -7.77
CA THR A 78 3.98 -2.62 -8.39
C THR A 78 2.76 -2.66 -7.52
N ARG A 79 1.73 -1.86 -7.85
CA ARG A 79 0.59 -1.74 -6.95
C ARG A 79 -0.21 -3.03 -6.70
N THR A 80 -0.19 -3.96 -7.64
CA THR A 80 -0.90 -5.26 -7.50
C THR A 80 -0.24 -6.13 -6.44
N ASP A 81 0.97 -5.77 -6.05
CA ASP A 81 1.69 -6.45 -4.97
C ASP A 81 1.15 -6.08 -3.56
N ILE A 82 0.20 -5.15 -3.52
CA ILE A 82 -0.34 -4.62 -2.25
C ILE A 82 -1.76 -5.08 -2.03
N CYS A 83 -1.92 -6.22 -1.35
CA CYS A 83 -3.20 -6.82 -1.04
C CYS A 83 -3.34 -6.98 0.48
N GLN A 84 -4.17 -6.12 1.06
CA GLN A 84 -4.28 -6.00 2.50
C GLN A 84 -4.71 -7.36 3.09
N GLY A 85 -4.20 -7.66 4.27
CA GLY A 85 -4.60 -8.86 5.00
C GLY A 85 -5.48 -8.41 6.14
N ALA A 86 -5.40 -9.13 7.24
CA ALA A 86 -6.30 -8.98 8.39
C ALA A 86 -5.78 -7.92 9.38
N LEU A 87 -5.65 -6.69 8.93
CA LEU A 87 -5.13 -5.65 9.76
C LEU A 87 -5.68 -4.36 9.20
N GLY A 88 -6.06 -3.45 10.08
CA GLY A 88 -6.68 -2.20 9.66
C GLY A 88 -5.74 -1.15 9.14
N ASP A 89 -4.76 -1.57 8.32
CA ASP A 89 -3.74 -0.66 7.86
C ASP A 89 -3.94 -0.21 6.41
N CYS A 90 -5.21 -0.12 5.99
CA CYS A 90 -5.57 0.32 4.63
C CYS A 90 -4.83 1.60 4.23
N TRP A 91 -4.76 2.56 5.16
CA TRP A 91 -4.14 3.91 4.93
C TRP A 91 -2.66 3.78 4.55
N LEU A 92 -1.98 2.85 5.21
CA LEU A 92 -0.55 2.56 4.92
C LEU A 92 -0.39 1.85 3.58
N LEU A 93 -1.22 0.84 3.36
CA LEU A 93 -1.20 0.09 2.09
C LEU A 93 -1.60 0.92 0.86
N ALA A 94 -2.57 1.81 1.02
CA ALA A 94 -2.92 2.78 -0.04
C ALA A 94 -1.72 3.66 -0.43
N ALA A 95 -0.93 4.08 0.55
CA ALA A 95 0.27 4.87 0.32
C ALA A 95 1.37 4.06 -0.37
N ILE A 96 1.58 2.85 0.06
CA ILE A 96 2.55 1.99 -0.62
C ILE A 96 2.18 1.70 -2.05
N ALA A 97 0.91 1.33 -2.31
CA ALA A 97 0.46 1.24 -3.70
C ALA A 97 0.66 2.54 -4.52
N SER A 98 0.30 3.70 -3.97
CA SER A 98 0.61 5.02 -4.65
C SER A 98 2.14 5.20 -4.92
N LEU A 99 2.94 4.92 -3.90
CA LEU A 99 4.42 4.92 -3.99
C LEU A 99 5.04 4.24 -5.22
N THR A 100 4.54 3.04 -5.54
CA THR A 100 4.97 2.25 -6.67
C THR A 100 4.80 2.92 -8.04
N LEU A 101 3.94 3.94 -8.14
CA LEU A 101 3.79 4.73 -9.37
C LEU A 101 4.91 5.75 -9.57
N ASN A 102 5.71 5.98 -8.55
CA ASN A 102 6.83 6.86 -8.71
C ASN A 102 8.10 6.05 -8.48
N GLU A 103 8.66 5.53 -9.57
CA GLU A 103 9.85 4.63 -9.50
C GLU A 103 11.04 5.15 -8.68
N THR A 104 11.31 6.45 -8.72
CA THR A 104 12.46 7.07 -8.01
C THR A 104 12.25 7.04 -6.50
N ILE A 105 11.06 7.43 -6.05
CA ILE A 105 10.83 7.44 -4.63
C ILE A 105 10.56 5.99 -4.14
N LEU A 106 9.98 5.17 -5.01
CA LEU A 106 9.82 3.76 -4.69
C LEU A 106 11.15 3.08 -4.28
N HIS A 107 12.19 3.28 -5.07
CA HIS A 107 13.41 2.57 -4.82
C HIS A 107 14.40 3.28 -3.87
N ARG A 108 13.96 4.43 -3.37
CA ARG A 108 14.58 5.02 -2.18
C ARG A 108 14.04 4.28 -0.94
N VAL A 109 12.72 4.07 -0.90
CA VAL A 109 12.11 3.40 0.27
C VAL A 109 12.47 1.89 0.28
N VAL A 110 12.55 1.32 -0.91
CA VAL A 110 12.82 -0.11 -1.18
C VAL A 110 14.18 -0.23 -1.89
N PRO A 111 15.30 -0.26 -1.10
CA PRO A 111 16.61 -0.42 -1.72
C PRO A 111 16.72 -1.60 -2.67
N TYR A 112 17.57 -1.39 -3.68
CA TYR A 112 17.87 -2.33 -4.71
C TYR A 112 18.79 -3.35 -4.13
N GLY A 113 18.83 -4.48 -4.79
CA GLY A 113 19.84 -5.48 -4.49
C GLY A 113 19.56 -6.36 -3.32
N GLN A 114 18.29 -6.59 -3.00
CA GLN A 114 17.94 -7.44 -1.85
C GLN A 114 17.33 -8.73 -2.33
N SER A 115 17.70 -9.85 -1.75
CA SER A 115 17.17 -11.10 -2.28
C SER A 115 17.23 -12.26 -1.34
N PHE A 116 16.53 -13.32 -1.76
CA PHE A 116 16.53 -14.63 -1.07
C PHE A 116 17.61 -15.62 -1.59
N GLN A 117 18.48 -15.19 -2.49
CA GLN A 117 19.56 -16.02 -2.97
C GLN A 117 20.91 -15.49 -2.47
N GLU A 118 21.83 -15.24 -3.40
CA GLU A 118 23.21 -14.93 -3.03
C GLU A 118 23.25 -13.79 -2.00
N GLY A 119 23.94 -14.00 -0.89
CA GLY A 119 24.08 -12.98 0.15
C GLY A 119 22.91 -12.98 1.13
N TYR A 120 21.92 -13.84 0.88
CA TYR A 120 20.79 -13.92 1.80
C TYR A 120 21.20 -14.40 3.19
N ALA A 121 20.79 -13.62 4.19
CA ALA A 121 21.00 -13.99 5.59
C ALA A 121 19.76 -13.70 6.47
N GLY A 122 18.55 -13.71 5.88
CA GLY A 122 17.29 -13.51 6.62
C GLY A 122 17.07 -12.08 7.14
N ILE A 123 17.61 -11.11 6.41
CA ILE A 123 17.54 -9.69 6.81
C ILE A 123 17.35 -8.86 5.56
N PHE A 124 16.49 -7.87 5.71
CA PHE A 124 16.11 -6.92 4.68
C PHE A 124 16.10 -5.53 5.28
N HIS A 125 16.05 -4.50 4.44
CA HIS A 125 16.03 -3.15 4.95
C HIS A 125 15.24 -2.21 4.04
N PHE A 126 14.76 -1.13 4.64
CA PHE A 126 13.94 -0.11 3.96
C PHE A 126 14.29 1.25 4.53
N GLN A 127 14.06 2.29 3.74
CA GLN A 127 14.29 3.65 4.18
C GLN A 127 12.98 4.40 4.33
N LEU A 128 12.82 5.10 5.45
CA LEU A 128 11.62 5.86 5.77
C LEU A 128 12.02 7.23 6.23
N TRP A 129 11.11 8.21 6.07
CA TRP A 129 11.28 9.56 6.60
C TRP A 129 10.63 9.53 7.99
N GLN A 130 11.45 9.48 9.05
CA GLN A 130 10.97 9.33 10.41
C GLN A 130 11.79 10.23 11.27
N PHE A 131 11.21 10.77 12.34
CA PHE A 131 11.98 11.60 13.31
C PHE A 131 12.73 12.76 12.62
N GLY A 132 12.21 13.27 11.51
CA GLY A 132 12.93 14.34 10.80
C GLY A 132 14.23 13.92 10.16
N GLU A 133 14.31 12.63 9.79
CA GLU A 133 15.51 12.04 9.19
C GLU A 133 15.10 10.96 8.19
N TRP A 134 15.87 10.81 7.13
CA TRP A 134 15.83 9.59 6.35
C TRP A 134 16.54 8.47 7.12
N VAL A 135 15.80 7.43 7.47
CA VAL A 135 16.33 6.37 8.33
C VAL A 135 16.32 5.02 7.62
N ASP A 136 17.44 4.32 7.72
CA ASP A 136 17.49 2.86 7.41
C ASP A 136 16.95 1.96 8.52
N VAL A 137 15.94 1.16 8.16
CA VAL A 137 15.30 0.27 9.10
C VAL A 137 15.56 -1.16 8.66
N VAL A 138 16.10 -1.99 9.56
CA VAL A 138 16.26 -3.43 9.23
C VAL A 138 15.12 -4.26 9.74
N VAL A 139 14.82 -5.36 9.05
CA VAL A 139 13.96 -6.41 9.60
C VAL A 139 14.58 -7.78 9.35
N ASP A 140 14.31 -8.72 10.23
CA ASP A 140 14.46 -10.14 9.87
C ASP A 140 13.25 -10.51 9.03
N ASP A 141 13.36 -11.58 8.23
CA ASP A 141 12.24 -11.97 7.33
C ASP A 141 11.28 -13.03 7.96
N LEU A 142 11.27 -13.10 9.28
CA LEU A 142 10.17 -13.78 9.94
C LEU A 142 8.90 -12.93 9.77
N LEU A 143 7.84 -13.56 9.25
CA LEU A 143 6.58 -12.91 8.94
C LEU A 143 5.40 -13.61 9.66
N PRO A 144 4.35 -12.86 10.08
CA PRO A 144 3.17 -13.60 10.63
C PRO A 144 2.42 -14.42 9.59
N THR A 145 2.23 -15.71 9.89
CA THR A 145 1.55 -16.65 9.00
C THR A 145 0.46 -17.42 9.75
N LYS A 146 -0.49 -17.93 8.99
CA LYS A 146 -1.49 -18.83 9.56
C LYS A 146 -1.75 -19.84 8.45
N ASP A 147 -1.65 -21.12 8.79
CA ASP A 147 -1.81 -22.23 7.79
C ASP A 147 -0.95 -22.00 6.55
N GLY A 148 0.26 -21.53 6.78
CA GLY A 148 1.24 -21.33 5.74
C GLY A 148 1.07 -20.10 4.87
N LYS A 149 0.12 -19.24 5.21
CA LYS A 149 -0.22 -18.09 4.38
C LYS A 149 0.07 -16.87 5.25
N LEU A 150 0.60 -15.79 4.66
CA LEU A 150 0.71 -14.49 5.31
C LEU A 150 -0.62 -14.00 5.84
N VAL A 151 -0.64 -13.49 7.06
CA VAL A 151 -1.87 -12.95 7.68
C VAL A 151 -2.11 -11.48 7.28
N PHE A 152 -1.03 -10.73 7.18
CA PHE A 152 -1.16 -9.31 6.87
C PHE A 152 -0.93 -9.03 5.38
N VAL A 153 -0.20 -7.99 4.97
CA VAL A 153 -0.10 -7.71 3.52
C VAL A 153 0.58 -8.83 2.71
N HIS A 154 0.09 -9.08 1.49
CA HIS A 154 0.71 -10.01 0.56
C HIS A 154 0.53 -9.47 -0.86
N SER A 155 1.27 -10.05 -1.79
CA SER A 155 1.17 -9.74 -3.21
C SER A 155 0.17 -10.67 -3.89
N ALA A 156 -0.38 -10.23 -5.02
CA ALA A 156 -1.15 -11.11 -5.92
C ALA A 156 -0.21 -12.23 -6.43
N GLN A 157 1.08 -11.90 -6.48
CA GLN A 157 2.10 -12.87 -6.81
C GLN A 157 2.52 -13.57 -5.48
N GLY A 158 2.00 -14.77 -5.25
CA GLY A 158 2.12 -15.44 -3.95
C GLY A 158 3.54 -15.75 -3.48
N ASN A 159 4.51 -15.67 -4.37
CA ASN A 159 5.92 -15.87 -3.99
C ASN A 159 6.70 -14.55 -3.88
N GLU A 160 5.97 -13.46 -3.81
CA GLU A 160 6.60 -12.15 -3.71
C GLU A 160 6.48 -11.60 -2.32
N PHE A 161 7.60 -11.09 -1.81
CA PHE A 161 7.73 -10.67 -0.38
C PHE A 161 8.12 -9.24 -0.04
N TRP A 162 8.45 -8.38 -1.01
CA TRP A 162 8.90 -6.98 -0.67
C TRP A 162 7.84 -6.17 0.11
N SER A 163 6.57 -6.29 -0.28
CA SER A 163 5.57 -5.45 0.37
C SER A 163 5.26 -5.92 1.79
N ALA A 164 5.35 -7.24 1.97
CA ALA A 164 5.18 -7.85 3.27
C ALA A 164 6.31 -7.41 4.23
N LEU A 165 7.52 -7.39 3.72
CA LEU A 165 8.70 -6.98 4.49
C LEU A 165 8.64 -5.46 4.75
N LEU A 166 8.19 -4.67 3.77
CA LEU A 166 8.07 -3.20 4.00
C LEU A 166 7.01 -2.90 5.05
N GLU A 167 5.89 -3.63 4.98
CA GLU A 167 4.86 -3.43 5.99
C GLU A 167 5.41 -3.80 7.38
N LYS A 168 6.22 -4.84 7.45
CA LYS A 168 6.77 -5.24 8.73
C LYS A 168 7.72 -4.15 9.26
N ALA A 169 8.48 -3.51 8.39
CA ALA A 169 9.45 -2.47 8.80
C ALA A 169 8.70 -1.23 9.26
N TYR A 170 7.57 -0.97 8.64
CA TYR A 170 6.73 0.13 9.07
C TYR A 170 6.05 -0.17 10.45
N ALA A 171 5.46 -1.36 10.62
CA ALA A 171 5.09 -1.86 11.96
C ALA A 171 6.20 -1.64 13.02
N LYS A 172 7.43 -2.05 12.68
CA LYS A 172 8.58 -1.93 13.59
C LYS A 172 8.76 -0.50 14.11
N VAL A 173 8.75 0.48 13.20
CA VAL A 173 8.99 1.84 13.65
C VAL A 173 7.85 2.39 14.48
N ASN A 174 6.65 1.81 14.31
CA ASN A 174 5.46 2.20 15.06
C ASN A 174 5.19 1.35 16.28
N GLY A 175 6.12 0.46 16.62
CA GLY A 175 5.95 -0.39 17.78
C GLY A 175 5.40 -1.80 17.57
N SER A 176 4.51 -1.97 16.60
CA SER A 176 3.84 -3.27 16.36
C SER A 176 2.92 -3.19 15.17
N TYR A 177 2.49 -4.35 14.68
CA TYR A 177 1.47 -4.37 13.64
C TYR A 177 0.17 -3.70 14.10
N GLU A 178 -0.26 -3.98 15.33
CA GLU A 178 -1.52 -3.42 15.84
C GLU A 178 -1.52 -1.87 15.85
N ALA A 179 -0.36 -1.27 16.14
CA ALA A 179 -0.16 0.19 16.08
C ALA A 179 -0.57 0.81 14.72
N LEU A 180 -0.67 -0.03 13.69
CA LEU A 180 -1.00 0.41 12.33
C LEU A 180 -2.49 0.33 12.04
N SER A 181 -3.23 -0.30 12.94
CA SER A 181 -4.63 -0.55 12.72
C SER A 181 -5.41 0.73 12.84
N GLY A 182 -5.71 1.42 11.74
CA GLY A 182 -6.33 2.77 11.74
C GLY A 182 -5.34 3.93 11.69
N GLY A 183 -5.44 4.77 10.67
CA GLY A 183 -4.50 5.89 10.52
C GLY A 183 -4.90 6.80 9.37
N CYS A 184 -3.96 7.61 8.97
CA CYS A 184 -4.25 8.66 8.00
C CYS A 184 -3.27 8.45 6.86
N THR A 185 -3.82 8.23 5.66
CA THR A 185 -3.00 8.06 4.45
C THR A 185 -1.85 9.06 4.32
N SER A 186 -2.14 10.33 4.59
CA SER A 186 -1.14 11.38 4.42
C SER A 186 0.06 11.16 5.35
N GLU A 187 -0.20 10.51 6.48
CA GLU A 187 0.86 10.17 7.43
C GLU A 187 1.84 9.16 6.84
N ALA A 188 1.29 8.15 6.16
CA ALA A 188 2.10 7.22 5.35
C ALA A 188 2.86 7.88 4.16
N PHE A 189 2.15 8.70 3.36
CA PHE A 189 2.76 9.56 2.30
C PHE A 189 3.99 10.32 2.81
N GLU A 190 3.85 11.05 3.92
CA GLU A 190 4.99 11.78 4.50
C GLU A 190 6.16 10.86 4.88
N ASP A 191 5.86 9.71 5.48
CA ASP A 191 6.90 8.75 5.93
C ASP A 191 7.63 8.11 4.77
N PHE A 192 7.06 8.22 3.56
CA PHE A 192 7.75 7.74 2.37
C PHE A 192 8.44 8.82 1.57
N THR A 193 8.20 10.08 1.92
CA THR A 193 8.70 11.20 1.06
C THR A 193 9.38 12.38 1.78
N GLY A 194 8.98 12.62 3.03
CA GLY A 194 9.29 13.89 3.72
C GLY A 194 8.67 15.07 2.95
N GLY A 195 7.60 14.77 2.23
CA GLY A 195 6.92 15.74 1.37
C GLY A 195 5.85 16.50 2.10
N VAL A 196 5.22 17.41 1.36
CA VAL A 196 4.16 18.28 1.84
C VAL A 196 2.78 17.68 1.50
N THR A 197 1.99 17.34 2.52
CA THR A 197 0.59 16.90 2.31
C THR A 197 -0.47 18.01 2.41
N GLU A 198 -1.43 17.94 1.50
CA GLU A 198 -2.60 18.84 1.55
C GLU A 198 -3.79 17.95 1.30
N TRP A 199 -4.97 18.41 1.65
CA TRP A 199 -6.15 17.62 1.39
C TRP A 199 -7.28 18.50 0.81
N TYR A 200 -8.22 17.88 0.13
CA TYR A 200 -9.31 18.61 -0.54
C TYR A 200 -10.62 18.09 -0.02
N ASP A 201 -11.54 18.98 0.28
CA ASP A 201 -12.87 18.62 0.73
C ASP A 201 -13.72 18.57 -0.53
N LEU A 202 -14.06 17.36 -0.97
CA LEU A 202 -14.64 17.16 -2.30
C LEU A 202 -16.06 17.72 -2.43
N GLN A 203 -16.72 17.97 -1.31
CA GLN A 203 -18.04 18.60 -1.39
C GLN A 203 -17.90 20.10 -1.57
N LYS A 204 -16.64 20.52 -1.69
CA LYS A 204 -16.27 21.91 -1.86
C LYS A 204 -15.09 21.97 -2.81
N ALA A 205 -15.09 21.13 -3.82
CA ALA A 205 -13.93 20.95 -4.70
C ALA A 205 -13.66 22.23 -5.47
N PRO A 206 -12.40 22.67 -5.52
CA PRO A 206 -12.18 23.83 -6.39
C PRO A 206 -12.48 23.45 -7.86
N SER A 207 -12.90 24.42 -8.67
CA SER A 207 -13.32 24.10 -10.05
C SER A 207 -12.17 23.59 -10.93
N ASP A 208 -10.93 23.83 -10.49
CA ASP A 208 -9.79 23.30 -11.19
C ASP A 208 -9.20 22.01 -10.61
N LEU A 209 -9.97 21.30 -9.76
CA LEU A 209 -9.47 20.11 -9.08
C LEU A 209 -8.95 18.99 -10.02
N TYR A 210 -9.65 18.76 -11.12
CA TYR A 210 -9.16 17.74 -12.06
C TYR A 210 -7.78 18.09 -12.65
N GLN A 211 -7.55 19.35 -12.99
CA GLN A 211 -6.21 19.79 -13.42
C GLN A 211 -5.16 19.60 -12.32
N ILE A 212 -5.52 19.91 -11.08
CA ILE A 212 -4.65 19.68 -9.92
C ILE A 212 -4.22 18.19 -9.78
N ILE A 213 -5.16 17.28 -9.94
CA ILE A 213 -4.93 15.86 -9.87
C ILE A 213 -4.05 15.42 -11.05
N LEU A 214 -4.41 15.87 -12.26
CA LEU A 214 -3.59 15.58 -13.43
C LEU A 214 -2.12 15.96 -13.23
N LYS A 215 -1.88 17.14 -12.68
CA LYS A 215 -0.52 17.68 -12.60
C LYS A 215 0.24 16.94 -11.53
N ALA A 216 -0.44 16.69 -10.40
CA ALA A 216 0.13 15.91 -9.31
C ALA A 216 0.57 14.53 -9.75
N LEU A 217 -0.29 13.82 -10.49
CA LEU A 217 0.01 12.49 -10.97
C LEU A 217 1.20 12.53 -11.95
N GLU A 218 1.24 13.56 -12.78
CA GLU A 218 2.32 13.74 -13.75
C GLU A 218 3.67 13.94 -13.05
N ARG A 219 3.69 14.75 -11.99
CA ARG A 219 4.93 14.93 -11.26
C ARG A 219 5.28 13.77 -10.30
N GLY A 220 4.39 12.78 -10.18
CA GLY A 220 4.65 11.63 -9.33
C GLY A 220 4.34 11.85 -7.85
N SER A 221 3.50 12.86 -7.56
CA SER A 221 2.93 13.03 -6.24
C SER A 221 2.06 11.81 -5.91
N LEU A 222 1.83 11.57 -4.63
CA LEU A 222 1.00 10.48 -4.17
C LEU A 222 -0.40 11.02 -3.78
N LEU A 223 -1.40 10.28 -4.20
CA LEU A 223 -2.77 10.72 -4.02
C LEU A 223 -3.58 9.57 -3.47
N GLY A 224 -4.48 9.86 -2.54
CA GLY A 224 -5.40 8.83 -2.13
C GLY A 224 -6.71 9.47 -1.76
N CYS A 225 -7.73 8.66 -1.56
CA CYS A 225 -9.06 9.21 -1.34
C CYS A 225 -9.87 8.32 -0.40
N SER A 226 -10.91 8.91 0.17
CA SER A 226 -11.78 8.20 1.13
C SER A 226 -13.18 8.81 1.22
N ILE A 227 -14.11 8.00 1.71
CA ILE A 227 -15.51 8.39 1.99
C ILE A 227 -15.67 8.39 3.52
N ASN A 228 -15.79 9.58 4.10
CA ASN A 228 -15.98 9.65 5.54
C ASN A 228 -17.33 9.02 5.92
N ILE A 229 -17.31 8.09 6.87
CA ILE A 229 -18.57 7.61 7.43
C ILE A 229 -19.15 8.63 8.45
N SER A 230 -20.19 9.33 8.02
CA SER A 230 -20.80 10.47 8.73
C SER A 230 -21.69 10.15 9.93
N ASP A 231 -22.51 9.10 9.80
CA ASP A 231 -23.49 8.75 10.85
C ASP A 231 -22.93 7.84 11.94
N ILE A 232 -22.19 6.80 11.51
CA ILE A 232 -21.36 5.94 12.39
C ILE A 232 -21.00 4.64 11.64
N ARG A 233 -21.99 4.07 10.96
CA ARG A 233 -21.85 3.10 9.87
C ARG A 233 -23.25 2.68 9.45
N ASP A 234 -24.20 3.57 9.74
CA ASP A 234 -25.63 3.25 9.65
C ASP A 234 -26.30 3.47 8.29
N LEU A 235 -25.61 2.92 7.27
CA LEU A 235 -26.14 2.59 5.95
C LEU A 235 -25.20 1.52 5.38
N GLU A 236 -24.53 0.79 6.29
CA GLU A 236 -23.49 -0.25 6.02
C GLU A 236 -22.07 0.34 5.77
N ALA A 237 -21.03 -0.50 5.94
CA ALA A 237 -19.66 -0.13 5.53
C ALA A 237 -19.45 -0.13 4.00
N ILE A 238 -20.16 -1.01 3.29
CA ILE A 238 -20.10 -1.06 1.83
C ILE A 238 -21.33 -0.38 1.27
N THR A 239 -21.11 0.63 0.44
CA THR A 239 -22.20 1.38 -0.19
C THR A 239 -22.97 0.56 -1.22
N PHE A 240 -24.08 1.12 -1.74
CA PHE A 240 -24.90 0.35 -2.68
C PHE A 240 -24.15 0.03 -3.98
N LYS A 241 -23.21 0.89 -4.35
CA LYS A 241 -22.45 0.69 -5.61
C LYS A 241 -21.05 0.09 -5.39
N ASN A 242 -20.92 -0.61 -4.27
CA ASN A 242 -19.73 -1.41 -3.89
C ASN A 242 -18.47 -0.57 -3.49
N LEU A 243 -18.67 0.62 -2.97
CA LEU A 243 -17.50 1.35 -2.42
C LEU A 243 -17.43 1.02 -0.91
N VAL A 244 -16.25 1.12 -0.32
CA VAL A 244 -16.05 0.85 1.11
C VAL A 244 -15.84 2.20 1.79
N ARG A 245 -16.71 2.56 2.74
CA ARG A 245 -16.62 3.83 3.49
C ARG A 245 -15.53 3.76 4.55
N GLY A 246 -14.99 4.92 4.97
CA GLY A 246 -13.89 5.01 5.94
C GLY A 246 -12.64 4.19 5.66
N HIS A 247 -12.41 3.97 4.36
CA HIS A 247 -11.40 3.09 3.83
C HIS A 247 -10.53 3.88 2.85
N ALA A 248 -9.21 3.75 2.96
CA ALA A 248 -8.31 4.52 2.06
C ALA A 248 -8.21 3.81 0.72
N TYR A 249 -8.30 4.56 -0.38
CA TYR A 249 -8.05 4.06 -1.73
C TYR A 249 -6.88 4.84 -2.26
N SER A 250 -6.05 4.23 -3.12
CA SER A 250 -5.03 4.97 -3.83
C SER A 250 -5.63 5.59 -5.11
N VAL A 251 -5.36 6.84 -5.39
CA VAL A 251 -5.66 7.38 -6.71
C VAL A 251 -4.46 7.08 -7.64
N THR A 252 -4.71 6.36 -8.75
CA THR A 252 -3.67 5.78 -9.59
C THR A 252 -3.62 6.25 -11.01
N ASP A 253 -4.68 6.90 -11.49
CA ASP A 253 -4.62 7.51 -12.80
C ASP A 253 -5.72 8.57 -12.93
N ALA A 254 -5.56 9.42 -13.92
CA ALA A 254 -6.60 10.33 -14.36
C ALA A 254 -6.39 10.45 -15.86
N LYS A 255 -7.43 10.06 -16.59
CA LYS A 255 -7.40 10.10 -18.06
C LYS A 255 -8.77 10.56 -18.60
N GLN A 256 -8.76 11.24 -19.74
CA GLN A 256 -9.99 11.72 -20.37
C GLN A 256 -10.33 10.74 -21.49
N VAL A 257 -11.59 10.31 -21.58
CA VAL A 257 -12.06 9.48 -22.66
C VAL A 257 -13.11 10.18 -23.53
N THR A 258 -13.25 9.73 -24.76
CA THR A 258 -14.22 10.34 -25.64
C THR A 258 -15.41 9.44 -25.68
N TYR A 259 -16.48 9.87 -25.01
CA TYR A 259 -17.66 9.09 -24.76
C TYR A 259 -18.77 9.68 -25.60
N GLN A 260 -19.20 8.94 -26.64
CA GLN A 260 -20.16 9.42 -27.63
C GLN A 260 -19.79 10.79 -28.18
N GLY A 261 -18.55 10.92 -28.65
CA GLY A 261 -18.02 12.16 -29.17
C GLY A 261 -17.80 13.29 -28.18
N GLN A 262 -17.96 12.99 -26.89
CA GLN A 262 -17.82 13.97 -25.81
C GLN A 262 -16.70 13.58 -24.83
N ARG A 263 -15.84 14.55 -24.46
CA ARG A 263 -14.78 14.28 -23.45
C ARG A 263 -15.43 14.01 -22.11
N VAL A 264 -14.94 12.99 -21.41
CA VAL A 264 -15.38 12.67 -20.07
C VAL A 264 -14.09 12.46 -19.25
N ASN A 265 -13.92 13.26 -18.21
CA ASN A 265 -12.76 13.15 -17.28
C ASN A 265 -12.95 11.91 -16.37
N LEU A 266 -12.00 10.98 -16.42
CA LEU A 266 -12.04 9.78 -15.59
C LEU A 266 -10.89 9.82 -14.58
N ILE A 267 -11.07 9.10 -13.48
CA ILE A 267 -10.07 8.95 -12.45
C ILE A 267 -10.07 7.45 -12.12
N ARG A 268 -8.89 6.92 -11.90
CA ARG A 268 -8.69 5.53 -11.60
C ARG A 268 -8.22 5.50 -10.16
N MET A 269 -8.77 4.56 -9.40
CA MET A 269 -8.42 4.33 -7.99
C MET A 269 -8.27 2.85 -7.74
N ARG A 270 -7.65 2.52 -6.61
CA ARG A 270 -7.42 1.12 -6.24
C ARG A 270 -7.72 0.89 -4.77
N ASN A 271 -8.64 -0.03 -4.53
CA ASN A 271 -8.89 -0.54 -3.19
C ASN A 271 -7.67 -1.35 -2.75
N PRO A 272 -7.00 -0.93 -1.66
CA PRO A 272 -5.83 -1.74 -1.27
C PRO A 272 -6.17 -3.19 -0.86
N TRP A 273 -7.44 -3.56 -0.76
CA TRP A 273 -7.80 -4.98 -0.65
C TRP A 273 -7.35 -5.80 -1.87
N GLY A 274 -7.20 -5.18 -3.02
CA GLY A 274 -6.89 -5.91 -4.27
C GLY A 274 -8.13 -6.57 -4.82
N GLU A 275 -9.28 -6.20 -4.23
CA GLU A 275 -10.61 -6.61 -4.70
C GLU A 275 -11.66 -5.66 -4.11
N VAL A 276 -12.91 -5.79 -4.55
CA VAL A 276 -14.10 -5.03 -4.12
C VAL A 276 -14.11 -3.68 -4.77
N GLU A 277 -14.77 -3.64 -5.92
CA GLU A 277 -14.74 -2.48 -6.78
C GLU A 277 -16.10 -1.82 -7.00
N TRP A 278 -16.03 -0.49 -7.15
CA TRP A 278 -17.11 0.32 -7.72
C TRP A 278 -17.90 -0.42 -8.81
N LYS A 279 -19.23 -0.37 -8.72
CA LYS A 279 -20.09 -1.01 -9.71
C LYS A 279 -20.98 -0.02 -10.50
N GLY A 280 -20.66 1.27 -10.40
CA GLY A 280 -21.40 2.31 -11.14
C GLY A 280 -20.82 2.52 -12.53
N PRO A 281 -21.20 3.64 -13.18
CA PRO A 281 -20.61 3.97 -14.50
C PRO A 281 -19.06 3.94 -14.52
N TRP A 282 -18.52 3.23 -15.51
CA TRP A 282 -17.07 3.18 -15.83
C TRP A 282 -16.34 2.08 -15.08
N SER A 283 -17.08 1.39 -14.19
CA SER A 283 -16.60 0.15 -13.54
C SER A 283 -16.33 -0.86 -14.64
N ASP A 284 -15.53 -1.86 -14.33
CA ASP A 284 -14.99 -2.78 -15.33
C ASP A 284 -16.06 -3.36 -16.30
N ASN A 285 -17.23 -3.64 -15.75
CA ASN A 285 -18.30 -4.27 -16.50
C ASN A 285 -19.40 -3.30 -16.95
N SER A 286 -19.15 -2.01 -16.86
CA SER A 286 -20.19 -1.02 -17.14
C SER A 286 -20.41 -0.92 -18.63
N TYR A 287 -21.56 -0.41 -19.04
CA TYR A 287 -21.85 -0.25 -20.46
C TYR A 287 -21.07 0.91 -21.09
N GLU A 288 -20.68 1.88 -20.25
CA GLU A 288 -20.07 3.14 -20.70
C GLU A 288 -18.93 2.92 -21.67
N TRP A 289 -18.21 1.83 -21.47
CA TRP A 289 -17.06 1.50 -22.26
C TRP A 289 -17.42 1.06 -23.68
N ASN A 290 -18.66 0.55 -23.89
CA ASN A 290 -19.19 0.26 -25.24
C ASN A 290 -19.20 1.52 -26.15
N LYS A 291 -19.21 2.70 -25.53
CA LYS A 291 -19.43 3.98 -26.23
C LYS A 291 -18.18 4.88 -26.34
N VAL A 292 -17.01 4.35 -25.97
CA VAL A 292 -15.77 5.09 -26.19
C VAL A 292 -15.10 4.40 -27.37
N ASP A 293 -14.20 5.10 -28.06
CA ASP A 293 -13.55 4.48 -29.22
C ASP A 293 -12.70 3.29 -28.77
N PRO A 294 -12.65 2.22 -29.60
CA PRO A 294 -11.98 0.98 -29.21
C PRO A 294 -10.54 1.14 -28.67
N TYR A 295 -9.77 2.07 -29.22
CA TYR A 295 -8.41 2.32 -28.74
C TYR A 295 -8.30 2.86 -27.31
N GLU A 296 -9.19 3.77 -26.94
CA GLU A 296 -9.20 4.23 -25.55
C GLU A 296 -9.59 3.09 -24.61
N ARG A 297 -10.57 2.28 -25.02
CA ARG A 297 -11.12 1.22 -24.19
C ARG A 297 -10.07 0.17 -23.88
N GLU A 298 -9.21 -0.10 -24.86
CA GLU A 298 -8.18 -1.12 -24.71
C GLU A 298 -6.97 -0.59 -23.90
N GLN A 299 -6.70 0.70 -24.05
CA GLN A 299 -5.64 1.35 -23.28
C GLN A 299 -5.99 1.48 -21.80
N LEU A 300 -7.29 1.66 -21.50
CA LEU A 300 -7.74 2.07 -20.16
C LEU A 300 -8.46 1.02 -19.35
N ARG A 301 -9.43 0.33 -19.97
CA ARG A 301 -10.25 -0.64 -19.25
C ARG A 301 -9.46 -1.94 -19.16
N VAL A 302 -9.41 -2.46 -17.94
CA VAL A 302 -8.87 -3.78 -17.62
C VAL A 302 -9.99 -4.48 -16.87
N LYS A 303 -10.57 -5.50 -17.48
CA LYS A 303 -11.65 -6.24 -16.87
C LYS A 303 -11.03 -7.30 -15.94
N MET A 304 -10.94 -6.97 -14.66
CA MET A 304 -10.28 -7.85 -13.66
C MET A 304 -10.69 -7.45 -12.26
N GLU A 305 -10.96 -8.44 -11.41
CA GLU A 305 -11.21 -8.14 -9.98
C GLU A 305 -9.87 -7.89 -9.28
N ASP A 306 -9.33 -6.69 -9.41
CA ASP A 306 -7.99 -6.39 -8.88
C ASP A 306 -8.02 -5.25 -7.86
N GLY A 307 -9.22 -4.77 -7.53
CA GLY A 307 -9.37 -3.62 -6.60
C GLY A 307 -9.36 -2.25 -7.30
N GLU A 308 -8.92 -2.23 -8.54
CA GLU A 308 -8.69 -1.01 -9.31
C GLU A 308 -9.79 -0.82 -10.36
N PHE A 309 -10.29 0.40 -10.50
CA PHE A 309 -11.40 0.70 -11.40
C PHE A 309 -11.39 2.21 -11.73
N TRP A 310 -12.17 2.59 -12.74
CA TRP A 310 -12.41 3.97 -13.15
C TRP A 310 -13.75 4.50 -12.65
N MET A 311 -13.82 5.79 -12.40
CA MET A 311 -15.08 6.46 -12.13
C MET A 311 -14.99 7.71 -12.94
N SER A 312 -16.14 8.27 -13.35
CA SER A 312 -16.08 9.62 -13.90
C SER A 312 -15.67 10.54 -12.76
N PHE A 313 -14.94 11.59 -13.09
CA PHE A 313 -14.66 12.60 -12.11
C PHE A 313 -15.91 13.17 -11.39
N ARG A 314 -17.00 13.37 -12.13
CA ARG A 314 -18.29 13.82 -11.60
C ARG A 314 -18.81 12.87 -10.49
N ASP A 315 -18.80 11.57 -10.79
CA ASP A 315 -19.23 10.53 -9.84
C ASP A 315 -18.26 10.40 -8.65
N PHE A 316 -16.97 10.49 -8.92
CA PHE A 316 -15.94 10.51 -7.88
C PHE A 316 -16.15 11.61 -6.84
N ILE A 317 -16.46 12.84 -7.29
CA ILE A 317 -16.59 13.91 -6.32
C ILE A 317 -17.89 13.84 -5.52
N ARG A 318 -18.92 13.21 -6.09
CA ARG A 318 -20.18 12.98 -5.37
C ARG A 318 -20.01 11.86 -4.33
N GLU A 319 -19.35 10.78 -4.73
CA GLU A 319 -19.20 9.63 -3.81
C GLU A 319 -18.18 9.78 -2.67
N PHE A 320 -17.01 10.31 -2.99
CA PHE A 320 -15.92 10.46 -2.03
C PHE A 320 -15.99 11.80 -1.37
N THR A 321 -15.34 11.92 -0.22
CA THR A 321 -15.44 13.17 0.54
C THR A 321 -14.12 13.90 0.66
N LYS A 322 -13.02 13.16 0.47
CA LYS A 322 -11.66 13.66 0.82
C LYS A 322 -10.64 13.15 -0.18
N LEU A 323 -9.83 14.04 -0.73
CA LEU A 323 -8.66 13.68 -1.50
C LEU A 323 -7.48 14.23 -0.75
N GLU A 324 -6.43 13.41 -0.64
CA GLU A 324 -5.19 13.82 0.00
C GLU A 324 -4.14 13.75 -1.09
N ILE A 325 -3.28 14.76 -1.12
CA ILE A 325 -2.19 14.75 -2.05
C ILE A 325 -0.90 15.08 -1.31
N CYS A 326 0.09 14.20 -1.48
CA CYS A 326 1.45 14.48 -1.00
C CYS A 326 2.35 14.90 -2.15
N ASN A 327 2.70 16.20 -2.18
CA ASN A 327 3.62 16.75 -3.20
C ASN A 327 5.09 16.65 -2.76
N LEU A 328 5.94 16.19 -3.66
CA LEU A 328 7.37 16.04 -3.38
C LEU A 328 8.11 17.34 -3.71
N THR A 329 9.09 17.69 -2.88
CA THR A 329 9.70 19.01 -2.89
C THR A 329 10.94 19.07 -3.81
CA CA B . 5.48 -7.55 -8.32
CA CA C . -10.73 -3.87 -11.77
CAB NQI D . -10.13 -2.99 5.57
CAS NQI D . -10.24 -1.89 6.63
OBD NQI D . -9.93 -0.47 6.22
CBK NQI D . -8.72 -0.15 6.77
OAK NQI D . -7.92 -1.06 7.04
CBS NQI D . -8.26 1.29 6.99
CBR NQI D . -9.32 2.14 7.71
OAL NQI D . -9.81 1.49 8.89
CBJ NQI D . -8.71 3.49 8.14
OAJ NQI D . -7.74 3.54 8.89
N NQI D . -9.32 4.56 7.64
CA NQI D . -8.88 5.92 8.00
CB NQI D . -8.67 6.83 6.78
CAM NQI D . -8.68 6.17 5.57
CAA NQI D . -9.59 6.61 4.63
C NQI D . -9.97 6.55 8.83
O NQI D . -11.00 6.88 8.25
NAZ NQI D . -9.80 6.76 10.15
CBP NQI D . -8.66 6.43 11.04
CAW NQI D . -7.78 7.69 11.31
CAT NQI D . -8.29 8.64 12.40
CAU NQI D . -7.22 8.85 13.47
NAY NQI D . -7.81 9.33 14.75
CBF NQI D . -7.96 10.63 15.04
NAE NQI D . -7.58 11.58 14.17
NAD NQI D . -8.50 11.00 16.20
CBI NQI D . -9.28 5.71 12.29
OAI NQI D . -10.39 5.15 12.17
NBB NQI D . -8.59 5.74 13.47
CBQ NQI D . -9.03 5.11 14.76
CBG NQI D . -8.93 3.56 14.73
OAG NQI D . -9.57 2.90 13.91
NAF NQI D . -8.11 3.03 15.63
CAX NQI D . -10.45 5.53 15.24
CBL NQI D . -10.60 5.67 16.78
CBN NQI D . -11.24 4.79 17.67
CAQ NQI D . -11.89 3.56 17.53
CAO NQI D . -12.42 2.91 18.65
CAN NQI D . -12.30 3.49 19.93
CAP NQI D . -11.64 4.72 20.07
CBM NQI D . -11.12 5.36 18.95
NBC NQI D . -10.46 6.52 18.80
CAR NQI D . -10.15 6.70 17.51
#